data_6T2R
#
_entry.id   6T2R
#
_cell.length_a   46.928
_cell.length_b   87.135
_cell.length_c   156.193
_cell.angle_alpha   90.000
_cell.angle_beta   90.000
_cell.angle_gamma   90.000
#
_symmetry.space_group_name_H-M   'C 2 2 21'
#
loop_
_entity.id
_entity.type
_entity.pdbx_description
1 polymer Beta-glycosidase
2 non-polymer 'SULFATE ION'
3 water water
#
_entity_poly.entity_id   1
_entity_poly.type   'polypeptide(L)'
_entity_poly.pdbx_seq_one_letter_code
;MGSSHHHHHHSSGLVPRGSHMASTHTPKWELVWEDNFDGAEPDTSVWSRIPRGKPDWQNTQSFDDRCYEMRNGLLILKGI
VNDNTEADAAQYLTGGLWTKDKRAFHGGRIEVRARLHGAKGAWPAIWTLPYETDKYSWPMGGEVDIMERLNHDSIVYQTV
HSHYTYTLGIENNPKHGNTIPINPEDFNVYGVDFWPDSLVFHVNGKRNFVYPRIETEQEGQFPFNIPQYLLIDMQLGGSW
VGTVDPADLPVEMEVDWVRHYQWK
;
_entity_poly.pdbx_strand_id   AAA
#
loop_
_chem_comp.id
_chem_comp.type
_chem_comp.name
_chem_comp.formula
SO4 non-polymer 'SULFATE ION' 'O4 S -2'
#
# COMPACT_ATOMS: atom_id res chain seq x y z
N ARG A 17 -7.50 -35.59 -8.11
CA ARG A 17 -8.97 -35.38 -8.31
C ARG A 17 -9.41 -36.22 -9.52
N GLY A 18 -10.63 -35.97 -10.02
CA GLY A 18 -11.22 -36.49 -11.27
C GLY A 18 -10.40 -37.55 -12.01
N SER A 19 -9.10 -37.28 -12.34
CA SER A 19 -8.19 -38.08 -13.22
C SER A 19 -6.75 -38.15 -12.68
N HIS A 20 -6.32 -37.33 -11.71
CA HIS A 20 -4.95 -37.57 -11.16
C HIS A 20 -4.64 -37.00 -9.77
N MET A 21 -5.20 -37.68 -8.75
CA MET A 21 -4.61 -37.94 -7.41
C MET A 21 -4.85 -36.77 -6.46
N ALA A 22 -4.31 -36.92 -5.24
CA ALA A 22 -4.02 -35.86 -4.26
C ALA A 22 -2.87 -34.98 -4.79
N SER A 23 -2.58 -35.01 -6.11
CA SER A 23 -1.52 -34.24 -6.85
C SER A 23 -0.46 -33.81 -5.81
N THR A 24 0.13 -34.80 -5.10
CA THR A 24 1.08 -34.61 -3.97
C THR A 24 2.34 -33.92 -4.52
N HIS A 25 2.70 -32.79 -3.94
CA HIS A 25 3.79 -31.92 -4.43
C HIS A 25 4.43 -31.28 -3.20
N THR A 26 5.65 -30.78 -3.37
CA THR A 26 6.28 -29.86 -2.42
C THR A 26 5.51 -28.54 -2.53
N PRO A 27 5.01 -27.98 -1.42
CA PRO A 27 4.35 -26.68 -1.48
C PRO A 27 5.30 -25.63 -2.06
N LYS A 28 4.76 -24.59 -2.68
CA LYS A 28 5.56 -23.45 -3.21
C LYS A 28 4.68 -22.20 -3.32
N TRP A 29 5.28 -21.06 -3.67
CA TRP A 29 4.52 -19.82 -3.97
C TRP A 29 3.72 -20.08 -5.26
N GLU A 30 2.40 -20.00 -5.20
CA GLU A 30 1.49 -20.16 -6.36
C GLU A 30 0.82 -18.79 -6.62
N LEU A 31 0.91 -18.29 -7.86
CA LEU A 31 0.20 -17.03 -8.28
C LEU A 31 -1.30 -17.35 -8.33
N VAL A 32 -2.09 -16.77 -7.43
CA VAL A 32 -3.57 -16.99 -7.33
C VAL A 32 -4.29 -15.80 -8.01
N TRP A 33 -3.64 -14.63 -8.15
CA TRP A 33 -4.27 -13.43 -8.77
C TRP A 33 -3.20 -12.42 -9.17
N GLU A 34 -3.41 -11.75 -10.31
CA GLU A 34 -2.56 -10.64 -10.74
C GLU A 34 -3.40 -9.58 -11.47
N ASP A 35 -2.88 -8.37 -11.48
CA ASP A 35 -3.35 -7.29 -12.37
C ASP A 35 -2.13 -6.67 -13.07
N ASN A 36 -2.08 -6.72 -14.40
CA ASN A 36 -0.99 -6.11 -15.24
C ASN A 36 -1.41 -4.77 -15.81
N PHE A 37 -2.56 -4.24 -15.38
CA PHE A 37 -3.07 -2.91 -15.83
C PHE A 37 -3.10 -2.83 -17.37
N ASP A 38 -3.74 -3.83 -17.99
CA ASP A 38 -3.77 -3.99 -19.46
C ASP A 38 -4.80 -3.07 -20.13
N GLY A 39 -5.94 -2.78 -19.49
CA GLY A 39 -7.09 -2.13 -20.16
C GLY A 39 -6.92 -0.62 -20.45
N ALA A 40 -7.97 -0.06 -21.04
CA ALA A 40 -8.20 1.40 -21.17
C ALA A 40 -8.31 2.04 -19.77
N GLU A 41 -8.69 1.26 -18.76
CA GLU A 41 -8.89 1.78 -17.39
C GLU A 41 -8.69 0.67 -16.35
N PRO A 42 -8.52 1.04 -15.06
CA PRO A 42 -8.52 0.06 -13.98
C PRO A 42 -9.76 -0.83 -14.06
N ASP A 43 -9.55 -2.12 -13.87
CA ASP A 43 -10.62 -3.16 -13.84
C ASP A 43 -11.63 -2.77 -12.76
N THR A 44 -12.88 -2.49 -13.14
CA THR A 44 -13.86 -1.83 -12.25
C THR A 44 -14.40 -2.86 -11.28
N SER A 45 -14.18 -4.13 -11.57
CA SER A 45 -14.56 -5.24 -10.68
C SER A 45 -13.51 -5.41 -9.58
N VAL A 46 -12.40 -4.68 -9.63
CA VAL A 46 -11.33 -4.85 -8.63
C VAL A 46 -11.08 -3.53 -7.93
N TRP A 47 -10.98 -2.44 -8.70
CA TRP A 47 -10.50 -1.10 -8.26
C TRP A 47 -11.64 -0.08 -8.27
N SER A 48 -11.56 0.87 -7.35
CA SER A 48 -12.34 2.13 -7.31
C SER A 48 -11.36 3.24 -6.97
N ARG A 49 -11.64 4.44 -7.44
CA ARG A 49 -10.90 5.66 -7.07
C ARG A 49 -11.14 5.94 -5.59
N ILE A 50 -10.13 6.47 -4.92
CA ILE A 50 -10.24 6.72 -3.45
C ILE A 50 -10.90 8.08 -3.28
N PRO A 51 -11.93 8.19 -2.43
CA PRO A 51 -12.53 9.48 -2.14
C PRO A 51 -11.69 10.31 -1.16
N ARG A 52 -11.97 11.61 -1.16
CA ARG A 52 -11.53 12.62 -0.16
C ARG A 52 -11.84 12.11 1.25
N GLY A 53 -10.92 12.32 2.20
CA GLY A 53 -11.19 12.24 3.64
C GLY A 53 -10.24 13.10 4.43
N LYS A 54 -10.43 13.11 5.76
CA LYS A 54 -9.81 14.08 6.71
C LYS A 54 -8.35 13.73 6.99
N PRO A 55 -7.92 12.45 7.17
CA PRO A 55 -6.53 12.18 7.55
C PRO A 55 -5.54 12.74 6.51
N ASP A 56 -4.30 13.03 6.94
CA ASP A 56 -3.23 13.65 6.12
C ASP A 56 -3.08 12.93 4.78
N TRP A 57 -3.28 11.61 4.76
CA TRP A 57 -3.05 10.79 3.56
C TRP A 57 -4.21 11.01 2.59
N GLN A 58 -5.41 11.23 3.11
CA GLN A 58 -6.66 11.20 2.32
C GLN A 58 -7.14 12.61 1.97
N ASN A 59 -6.48 13.63 2.54
CA ASN A 59 -6.61 15.08 2.27
C ASN A 59 -6.84 15.48 0.81
N THR A 60 -6.09 14.85 -0.08
CA THR A 60 -5.88 15.32 -1.46
C THR A 60 -6.61 14.40 -2.44
N GLN A 61 -7.19 13.31 -1.93
CA GLN A 61 -7.67 12.19 -2.78
C GLN A 61 -8.79 12.77 -3.62
N SER A 62 -8.85 12.41 -4.90
CA SER A 62 -9.66 13.16 -5.90
C SER A 62 -10.21 12.21 -6.97
N PHE A 63 -11.40 12.50 -7.49
CA PHE A 63 -12.00 11.81 -8.65
C PHE A 63 -11.57 12.49 -9.96
N ASP A 64 -10.77 13.55 -9.87
CA ASP A 64 -10.31 14.32 -11.06
C ASP A 64 -9.52 13.40 -12.01
N ASP A 65 -9.94 13.35 -13.28
CA ASP A 65 -9.30 12.52 -14.34
C ASP A 65 -7.84 12.91 -14.51
N ARG A 66 -7.48 14.12 -14.15
CA ARG A 66 -6.08 14.58 -14.32
C ARG A 66 -5.17 13.89 -13.30
N CYS A 67 -5.71 13.06 -12.40
CA CYS A 67 -4.88 12.38 -11.37
C CYS A 67 -4.59 10.91 -11.78
N TYR A 68 -5.13 10.47 -12.90
CA TYR A 68 -5.16 9.04 -13.32
C TYR A 68 -4.77 8.94 -14.79
N GLU A 69 -3.95 7.95 -15.14
CA GLU A 69 -3.61 7.63 -16.54
C GLU A 69 -3.31 6.13 -16.67
N MET A 70 -3.73 5.51 -17.77
CA MET A 70 -3.17 4.21 -18.26
C MET A 70 -2.25 4.56 -19.43
N ARG A 71 -0.99 4.14 -19.35
CA ARG A 71 0.04 4.51 -20.33
C ARG A 71 0.99 3.34 -20.51
N ASN A 72 1.01 2.75 -21.70
CA ASN A 72 2.11 1.81 -22.06
C ASN A 72 1.93 0.51 -21.24
N GLY A 73 0.68 0.13 -20.92
CA GLY A 73 0.35 -0.97 -19.99
C GLY A 73 0.77 -0.72 -18.53
N LEU A 74 1.00 0.55 -18.15
CA LEU A 74 1.27 1.01 -16.75
C LEU A 74 0.09 1.80 -16.19
N LEU A 75 -0.25 1.59 -14.92
CA LEU A 75 -1.14 2.52 -14.20
C LEU A 75 -0.34 3.75 -13.75
N ILE A 76 -0.88 4.96 -13.88
CA ILE A 76 -0.20 6.24 -13.49
C ILE A 76 -1.12 6.95 -12.52
N LEU A 77 -0.62 7.26 -11.34
CA LEU A 77 -1.39 8.03 -10.34
C LEU A 77 -0.59 9.28 -10.08
N LYS A 78 -1.23 10.46 -10.09
CA LYS A 78 -0.47 11.75 -10.13
C LYS A 78 -0.88 12.62 -8.95
N GLY A 79 0.06 13.44 -8.51
CA GLY A 79 -0.17 14.55 -7.59
C GLY A 79 0.00 15.87 -8.35
N ILE A 80 -0.99 16.77 -8.30
CA ILE A 80 -1.01 18.03 -9.08
C ILE A 80 -1.47 19.19 -8.19
N VAL A 81 -1.12 20.40 -8.58
CA VAL A 81 -1.67 21.64 -8.00
C VAL A 81 -3.14 21.72 -8.40
N ASN A 82 -4.03 21.95 -7.43
CA ASN A 82 -5.47 22.15 -7.68
C ASN A 82 -5.73 23.60 -8.12
N ASP A 83 -6.56 23.82 -9.14
CA ASP A 83 -6.98 25.19 -9.54
C ASP A 83 -8.42 25.47 -9.08
N ASN A 84 -8.89 24.91 -7.96
CA ASN A 84 -10.24 25.23 -7.38
C ASN A 84 -10.07 26.39 -6.39
N THR A 85 -10.78 27.49 -6.67
CA THR A 85 -10.96 28.71 -5.83
C THR A 85 -11.81 28.37 -4.61
N GLU A 86 -12.89 27.61 -4.83
CA GLU A 86 -13.83 27.16 -3.77
C GLU A 86 -13.08 27.15 -2.43
N ALA A 87 -13.64 27.73 -1.37
CA ALA A 87 -13.00 27.91 -0.03
C ALA A 87 -12.68 26.55 0.62
N ASP A 88 -13.42 25.49 0.26
CA ASP A 88 -13.24 24.09 0.75
C ASP A 88 -12.47 23.24 -0.29
N ALA A 89 -11.43 23.79 -0.93
CA ALA A 89 -10.65 23.07 -1.95
C ALA A 89 -9.28 22.72 -1.38
N ALA A 90 -8.91 21.44 -1.48
CA ALA A 90 -7.51 20.97 -1.26
C ALA A 90 -6.58 21.82 -2.13
N GLN A 91 -5.44 22.19 -1.58
CA GLN A 91 -4.36 22.88 -2.31
C GLN A 91 -3.80 21.96 -3.40
N TYR A 92 -3.81 20.65 -3.17
CA TYR A 92 -3.23 19.63 -4.07
C TYR A 92 -4.22 18.49 -4.23
N LEU A 93 -4.20 17.85 -5.40
CA LEU A 93 -5.05 16.70 -5.79
C LEU A 93 -4.17 15.48 -6.10
N THR A 94 -4.52 14.31 -5.54
CA THR A 94 -3.77 13.06 -5.79
C THR A 94 -4.74 11.98 -6.22
N GLY A 95 -4.23 11.05 -7.04
CA GLY A 95 -4.98 9.85 -7.48
C GLY A 95 -4.61 8.66 -6.61
N GLY A 96 -5.61 7.81 -6.36
CA GLY A 96 -5.48 6.55 -5.59
C GLY A 96 -6.57 5.57 -6.00
N LEU A 97 -6.22 4.28 -5.99
CA LEU A 97 -7.15 3.17 -6.20
C LEU A 97 -7.15 2.27 -4.96
N TRP A 98 -8.30 1.67 -4.64
CA TRP A 98 -8.41 0.63 -3.60
C TRP A 98 -9.35 -0.49 -4.01
N THR A 99 -9.17 -1.64 -3.40
CA THR A 99 -9.95 -2.86 -3.73
C THR A 99 -11.08 -3.00 -2.71
N LYS A 100 -11.30 -1.98 -1.89
CA LYS A 100 -12.37 -2.01 -0.88
C LYS A 100 -13.68 -2.45 -1.55
N ASP A 101 -14.37 -3.39 -0.93
CA ASP A 101 -15.72 -3.87 -1.31
C ASP A 101 -15.62 -4.63 -2.62
N LYS A 102 -14.43 -4.84 -3.21
CA LYS A 102 -14.31 -5.56 -4.52
C LYS A 102 -13.35 -6.75 -4.47
N ARG A 103 -12.15 -6.63 -3.92
CA ARG A 103 -11.27 -7.80 -3.81
C ARG A 103 -10.60 -7.85 -2.43
N ALA A 104 -10.73 -8.99 -1.77
CA ALA A 104 -10.16 -9.27 -0.45
C ALA A 104 -8.89 -10.09 -0.64
N PHE A 105 -7.81 -9.75 0.06
CA PHE A 105 -6.60 -10.60 0.13
C PHE A 105 -6.62 -11.35 1.47
N HIS A 106 -6.59 -12.69 1.42
CA HIS A 106 -6.52 -13.61 2.57
C HIS A 106 -5.06 -14.00 2.77
N GLY A 107 -4.33 -13.16 3.48
CA GLY A 107 -2.89 -13.34 3.73
C GLY A 107 -2.13 -13.58 2.43
N GLY A 108 -1.20 -14.54 2.44
CA GLY A 108 -0.29 -14.79 1.32
C GLY A 108 0.70 -13.65 1.15
N ARG A 109 1.27 -13.59 -0.06
CA ARG A 109 2.33 -12.63 -0.46
C ARG A 109 1.67 -11.62 -1.39
N ILE A 110 1.70 -10.35 -1.03
CA ILE A 110 1.20 -9.26 -1.91
C ILE A 110 2.43 -8.53 -2.41
N GLU A 111 2.57 -8.39 -3.73
CA GLU A 111 3.72 -7.66 -4.32
C GLU A 111 3.19 -6.67 -5.34
N VAL A 112 3.81 -5.51 -5.35
CA VAL A 112 3.48 -4.43 -6.32
C VAL A 112 4.80 -3.93 -6.91
N ARG A 113 4.83 -3.84 -8.24
CA ARG A 113 6.04 -3.34 -8.95
C ARG A 113 5.73 -1.93 -9.45
N ALA A 114 6.55 -0.96 -9.03
CA ALA A 114 6.25 0.47 -9.19
C ALA A 114 7.55 1.23 -9.38
N ARG A 115 7.47 2.30 -10.16
CA ARG A 115 8.56 3.27 -10.35
C ARG A 115 8.08 4.60 -9.76
N LEU A 116 8.91 5.23 -8.92
CA LEU A 116 8.58 6.48 -8.19
C LEU A 116 9.40 7.63 -8.77
N HIS A 117 8.98 8.87 -8.48
CA HIS A 117 9.60 10.14 -8.92
C HIS A 117 9.69 11.10 -7.72
N GLY A 118 10.91 11.58 -7.39
CA GLY A 118 11.16 12.56 -6.32
C GLY A 118 10.32 13.82 -6.52
N ALA A 119 9.80 14.36 -5.42
CA ALA A 119 9.07 15.63 -5.30
C ALA A 119 8.96 15.97 -3.81
N LYS A 120 9.30 17.20 -3.44
CA LYS A 120 9.22 17.68 -2.06
C LYS A 120 7.74 17.69 -1.66
N GLY A 121 7.41 16.94 -0.60
CA GLY A 121 6.03 16.82 -0.09
C GLY A 121 5.29 15.61 -0.63
N ALA A 122 5.87 14.86 -1.55
CA ALA A 122 5.26 13.61 -2.04
C ALA A 122 5.61 12.44 -1.09
N TRP A 123 4.61 11.57 -0.86
CA TRP A 123 4.75 10.31 -0.08
C TRP A 123 3.73 9.31 -0.61
N PRO A 124 3.94 8.83 -1.85
CA PRO A 124 3.14 7.73 -2.40
C PRO A 124 3.25 6.48 -1.50
N ALA A 125 2.16 5.74 -1.35
CA ALA A 125 2.06 4.59 -0.45
C ALA A 125 1.43 3.39 -1.14
N ILE A 126 1.79 2.20 -0.69
CA ILE A 126 1.15 0.90 -1.04
C ILE A 126 0.86 0.23 0.29
N TRP A 127 -0.39 -0.13 0.56
CA TRP A 127 -0.73 -0.53 1.93
C TRP A 127 -2.06 -1.24 1.96
N THR A 128 -2.32 -1.91 3.09
CA THR A 128 -3.54 -2.68 3.31
C THR A 128 -4.17 -2.36 4.66
N LEU A 129 -5.50 -2.47 4.65
CA LEU A 129 -6.44 -2.27 5.76
C LEU A 129 -7.38 -3.46 5.78
N PRO A 130 -8.08 -3.73 6.91
CA PRO A 130 -9.07 -4.80 6.96
C PRO A 130 -10.17 -4.62 5.93
N TYR A 131 -10.42 -5.71 5.18
CA TYR A 131 -11.48 -5.81 4.15
C TYR A 131 -12.83 -5.58 4.80
N GLU A 132 -13.05 -6.18 5.96
CA GLU A 132 -14.37 -6.13 6.67
C GLU A 132 -14.50 -4.79 7.43
N THR A 133 -14.90 -3.73 6.73
CA THR A 133 -14.85 -2.35 7.27
C THR A 133 -15.94 -2.12 8.31
N ASP A 134 -16.99 -2.95 8.35
CA ASP A 134 -18.06 -2.79 9.38
C ASP A 134 -17.79 -3.70 10.57
N LYS A 135 -16.56 -4.23 10.68
CA LYS A 135 -16.16 -5.23 11.70
C LYS A 135 -14.89 -4.83 12.45
N TYR A 136 -14.08 -3.96 11.86
CA TYR A 136 -12.78 -3.55 12.42
C TYR A 136 -12.71 -2.03 12.39
N SER A 137 -12.07 -1.51 13.43
CA SER A 137 -11.73 -0.08 13.62
C SER A 137 -10.25 0.15 13.23
N TRP A 138 -9.84 1.41 13.14
CA TRP A 138 -8.41 1.79 13.04
C TRP A 138 -8.03 2.43 14.37
N PRO A 139 -6.95 2.04 15.04
CA PRO A 139 -5.97 1.10 14.50
C PRO A 139 -6.10 -0.33 15.01
N MET A 140 -7.12 -0.63 15.79
CA MET A 140 -7.27 -1.96 16.45
C MET A 140 -7.31 -3.06 15.36
N GLY A 141 -7.84 -2.78 14.18
CA GLY A 141 -7.95 -3.78 13.11
C GLY A 141 -6.63 -3.99 12.43
N GLY A 142 -5.71 -3.05 12.63
CA GLY A 142 -4.37 -3.13 12.05
C GLY A 142 -4.24 -2.36 10.74
N GLU A 143 -3.00 -2.07 10.37
CA GLU A 143 -2.59 -1.41 9.12
C GLU A 143 -1.23 -1.98 8.73
N VAL A 144 -1.04 -2.25 7.44
CA VAL A 144 0.22 -2.80 6.88
C VAL A 144 0.65 -1.86 5.76
N ASP A 145 1.76 -1.17 5.96
CA ASP A 145 2.36 -0.25 4.97
C ASP A 145 3.40 -1.05 4.19
N ILE A 146 3.08 -1.47 2.98
CA ILE A 146 4.04 -2.22 2.11
C ILE A 146 5.07 -1.24 1.52
N MET A 147 4.71 0.01 1.30
CA MET A 147 5.66 1.04 0.79
C MET A 147 5.18 2.45 1.17
N GLU A 148 6.09 3.26 1.70
CA GLU A 148 5.98 4.73 1.81
C GLU A 148 7.32 5.32 1.36
N ARG A 149 7.31 6.24 0.40
CA ARG A 149 8.54 6.93 -0.07
C ARG A 149 8.33 8.46 0.06
N LEU A 150 9.12 9.04 0.95
CA LEU A 150 9.09 10.48 1.32
C LEU A 150 9.99 11.29 0.38
N ASN A 151 9.45 12.37 -0.17
CA ASN A 151 10.29 13.44 -0.76
C ASN A 151 11.11 12.83 -1.89
N HIS A 152 12.43 13.01 -1.84
CA HIS A 152 13.42 12.49 -2.83
C HIS A 152 14.20 11.32 -2.22
N ASP A 153 13.73 10.64 -1.18
CA ASP A 153 14.58 9.63 -0.47
C ASP A 153 14.92 8.49 -1.44
N SER A 154 16.10 7.91 -1.29
CA SER A 154 16.54 6.65 -1.93
C SER A 154 16.27 5.45 -0.99
N ILE A 155 15.39 5.65 -0.02
CA ILE A 155 14.92 4.54 0.88
C ILE A 155 13.39 4.58 0.92
N VAL A 156 12.77 3.46 1.32
CA VAL A 156 11.31 3.42 1.60
C VAL A 156 11.16 2.91 3.03
N TYR A 157 10.04 3.25 3.63
CA TYR A 157 9.57 2.72 4.93
C TYR A 157 8.62 1.56 4.63
N GLN A 158 8.80 0.48 5.37
CA GLN A 158 7.76 -0.55 5.55
C GLN A 158 7.40 -0.58 7.04
N THR A 159 6.10 -0.65 7.38
CA THR A 159 5.59 -0.38 8.74
C THR A 159 4.29 -1.11 9.01
N VAL A 160 4.01 -1.42 10.28
CA VAL A 160 2.69 -1.90 10.76
C VAL A 160 2.23 -0.87 11.80
N HIS A 161 0.93 -0.70 11.90
CA HIS A 161 0.27 0.05 13.00
C HIS A 161 -0.84 -0.81 13.58
N SER A 162 -1.07 -0.68 14.87
CA SER A 162 -2.11 -1.45 15.59
C SER A 162 -2.54 -0.70 16.85
N HIS A 163 -3.47 -1.29 17.61
CA HIS A 163 -3.79 -0.85 18.99
C HIS A 163 -2.50 -0.84 19.82
N TYR A 164 -1.66 -1.82 19.62
CA TYR A 164 -0.45 -2.05 20.43
C TYR A 164 0.59 -0.98 20.09
N THR A 165 0.85 -0.73 18.80
CA THR A 165 1.90 0.21 18.39
C THR A 165 1.43 1.64 18.64
N TYR A 166 0.18 1.95 18.30
CA TYR A 166 -0.34 3.33 18.26
C TYR A 166 -1.07 3.66 19.57
N THR A 167 -2.18 3.01 19.90
CA THR A 167 -2.95 3.35 21.12
C THR A 167 -2.12 3.10 22.40
N LEU A 168 -1.46 1.95 22.55
CA LEU A 168 -0.64 1.67 23.76
C LEU A 168 0.76 2.26 23.66
N GLY A 169 1.20 2.66 22.47
CA GLY A 169 2.50 3.36 22.31
C GLY A 169 3.68 2.39 22.24
N ILE A 170 3.48 1.10 22.08
CA ILE A 170 4.61 0.15 22.09
C ILE A 170 5.10 -0.09 20.65
N GLU A 171 5.94 0.81 20.14
CA GLU A 171 6.40 0.89 18.72
C GLU A 171 7.67 0.06 18.47
N ASN A 172 8.47 -0.16 19.50
CA ASN A 172 9.87 -0.66 19.38
C ASN A 172 10.07 -2.04 19.99
N ASN A 173 9.08 -2.68 20.63
CA ASN A 173 9.24 -4.03 21.22
C ASN A 173 8.02 -4.88 20.90
N PRO A 174 7.92 -5.48 19.69
CA PRO A 174 8.99 -5.45 18.70
C PRO A 174 8.96 -4.24 17.78
N LYS A 175 10.06 -4.02 17.06
CA LYS A 175 10.24 -2.86 16.13
C LYS A 175 9.10 -2.91 15.07
N HIS A 176 8.30 -1.87 14.97
CA HIS A 176 7.09 -1.88 14.12
C HIS A 176 7.38 -1.43 12.68
N GLY A 177 8.59 -0.97 12.41
CA GLY A 177 8.96 -0.45 11.08
C GLY A 177 10.45 -0.47 10.80
N ASN A 178 10.82 -0.41 9.53
CA ASN A 178 12.24 -0.32 9.14
C ASN A 178 12.33 0.24 7.73
N THR A 179 13.41 0.95 7.44
CA THR A 179 13.74 1.46 6.08
C THR A 179 14.72 0.51 5.40
N ILE A 180 14.67 0.53 4.09
CA ILE A 180 15.57 -0.23 3.20
C ILE A 180 15.79 0.61 1.95
N PRO A 181 17.03 0.63 1.40
CA PRO A 181 17.30 1.40 0.19
C PRO A 181 16.55 0.82 -1.00
N ILE A 182 16.28 1.69 -1.96
CA ILE A 182 15.72 1.34 -3.30
C ILE A 182 16.60 1.90 -4.41
N ASN A 183 16.37 1.45 -5.64
CA ASN A 183 16.87 2.10 -6.87
C ASN A 183 15.84 3.14 -7.24
N PRO A 184 16.01 4.42 -6.82
CA PRO A 184 14.91 5.39 -6.84
C PRO A 184 14.41 5.77 -8.23
N GLU A 185 15.25 5.59 -9.26
CA GLU A 185 14.92 5.95 -10.66
C GLU A 185 14.37 4.71 -11.37
N ASP A 186 14.40 3.52 -10.75
CA ASP A 186 13.95 2.25 -11.40
C ASP A 186 12.64 1.73 -10.81
N PHE A 187 12.08 0.72 -11.47
CA PHE A 187 11.01 -0.12 -10.87
C PHE A 187 11.63 -0.89 -9.70
N ASN A 188 10.85 -1.04 -8.64
CA ASN A 188 11.23 -1.89 -7.49
C ASN A 188 10.00 -2.70 -7.16
N VAL A 189 10.17 -3.86 -6.55
CA VAL A 189 9.05 -4.74 -6.13
C VAL A 189 8.89 -4.67 -4.60
N TYR A 190 7.78 -4.08 -4.14
CA TYR A 190 7.42 -3.96 -2.71
C TYR A 190 6.50 -5.12 -2.34
N GLY A 191 6.88 -5.85 -1.28
CA GLY A 191 6.18 -7.07 -0.87
C GLY A 191 6.04 -7.23 0.65
N VAL A 192 4.97 -7.90 1.07
CA VAL A 192 4.76 -8.38 2.46
C VAL A 192 4.24 -9.80 2.34
N ASP A 193 4.70 -10.68 3.24
CA ASP A 193 4.19 -12.05 3.41
C ASP A 193 3.43 -12.12 4.74
N PHE A 194 2.19 -12.62 4.69
CA PHE A 194 1.32 -12.86 5.88
C PHE A 194 1.47 -14.31 6.31
N TRP A 195 1.92 -14.53 7.56
CA TRP A 195 1.92 -15.85 8.23
C TRP A 195 1.16 -15.73 9.55
N PRO A 196 0.72 -16.86 10.12
CA PRO A 196 0.03 -16.87 11.41
C PRO A 196 0.79 -16.16 12.53
N ASP A 197 2.12 -16.24 12.52
CA ASP A 197 2.96 -15.80 13.67
C ASP A 197 3.80 -14.58 13.31
N SER A 198 3.67 -14.01 12.11
CA SER A 198 4.62 -12.97 11.64
C SER A 198 4.23 -12.40 10.29
N LEU A 199 4.63 -11.15 10.06
CA LEU A 199 4.65 -10.52 8.73
C LEU A 199 6.12 -10.40 8.31
N VAL A 200 6.45 -10.65 7.04
CA VAL A 200 7.83 -10.47 6.49
C VAL A 200 7.76 -9.52 5.30
N PHE A 201 8.50 -8.40 5.38
CA PHE A 201 8.55 -7.31 4.37
C PHE A 201 9.76 -7.49 3.47
N HIS A 202 9.58 -7.32 2.18
CA HIS A 202 10.61 -7.48 1.15
C HIS A 202 10.56 -6.26 0.25
N VAL A 203 11.73 -5.82 -0.20
CA VAL A 203 11.92 -4.95 -1.38
C VAL A 203 12.85 -5.71 -2.34
N ASN A 204 12.44 -5.88 -3.60
CA ASN A 204 13.13 -6.68 -4.65
C ASN A 204 13.53 -8.05 -4.11
N GLY A 205 12.75 -8.71 -3.26
CA GLY A 205 13.13 -10.06 -2.80
C GLY A 205 14.15 -10.08 -1.66
N LYS A 206 14.74 -8.95 -1.30
CA LYS A 206 15.54 -8.75 -0.08
C LYS A 206 14.59 -8.56 1.12
N ARG A 207 14.84 -9.28 2.20
CA ARG A 207 14.09 -9.15 3.47
C ARG A 207 14.48 -7.81 4.10
N ASN A 208 13.50 -6.98 4.42
CA ASN A 208 13.65 -5.70 5.15
C ASN A 208 13.60 -6.05 6.65
N PHE A 209 12.48 -6.56 7.12
CA PHE A 209 12.32 -6.86 8.55
C PHE A 209 11.11 -7.75 8.71
N VAL A 210 11.02 -8.34 9.91
CA VAL A 210 9.96 -9.29 10.35
C VAL A 210 9.17 -8.56 11.44
N TYR A 211 7.85 -8.53 11.35
CA TYR A 211 7.02 -8.12 12.51
C TYR A 211 6.46 -9.40 13.12
N PRO A 212 6.92 -9.78 14.34
CA PRO A 212 6.48 -10.99 15.01
C PRO A 212 5.21 -10.81 15.84
N ARG A 213 4.40 -11.89 15.89
CA ARG A 213 3.39 -12.12 16.94
C ARG A 213 4.12 -12.60 18.19
N ILE A 214 4.10 -11.79 19.25
CA ILE A 214 4.82 -12.10 20.51
C ILE A 214 3.81 -12.51 21.60
N GLU A 215 4.25 -13.32 22.54
CA GLU A 215 3.50 -13.47 23.80
C GLU A 215 3.60 -12.13 24.54
N THR A 216 2.45 -11.58 24.92
CA THR A 216 2.33 -10.26 25.55
C THR A 216 1.10 -10.28 26.43
N GLU A 217 1.25 -9.69 27.62
CA GLU A 217 0.20 -9.38 28.62
C GLU A 217 -0.95 -8.62 27.91
N GLN A 218 -0.70 -7.80 26.88
CA GLN A 218 -1.76 -6.95 26.30
C GLN A 218 -2.34 -7.60 25.05
N GLU A 219 -3.26 -6.87 24.42
CA GLU A 219 -4.05 -7.32 23.26
C GLU A 219 -3.76 -6.44 22.04
N GLY A 220 -4.29 -6.87 20.90
CA GLY A 220 -4.17 -6.14 19.63
C GLY A 220 -2.76 -6.12 19.07
N GLN A 221 -1.86 -6.98 19.54
CA GLN A 221 -0.45 -6.90 19.08
C GLN A 221 -0.33 -7.50 17.66
N PHE A 222 -1.20 -8.43 17.28
CA PHE A 222 -1.12 -9.08 15.94
C PHE A 222 -2.51 -9.35 15.37
N PRO A 223 -3.19 -8.29 14.87
CA PRO A 223 -4.54 -8.42 14.32
C PRO A 223 -4.58 -8.73 12.80
N PHE A 224 -3.42 -8.95 12.20
CA PHE A 224 -3.25 -8.86 10.73
C PHE A 224 -3.82 -10.09 9.98
N ASN A 225 -4.02 -11.25 10.59
CA ASN A 225 -4.39 -12.48 9.81
C ASN A 225 -5.90 -12.45 9.60
N ILE A 226 -6.37 -11.40 8.93
CA ILE A 226 -7.79 -11.16 8.59
C ILE A 226 -7.74 -10.69 7.15
N PRO A 227 -8.85 -10.86 6.40
CA PRO A 227 -8.89 -10.41 5.02
C PRO A 227 -8.54 -8.92 4.91
N GLN A 228 -7.78 -8.58 3.87
CA GLN A 228 -7.25 -7.22 3.62
C GLN A 228 -7.85 -6.68 2.33
N TYR A 229 -7.97 -5.35 2.23
CA TYR A 229 -8.05 -4.67 0.92
C TYR A 229 -6.76 -3.85 0.72
N LEU A 230 -6.43 -3.62 -0.56
CA LEU A 230 -5.15 -3.02 -1.01
C LEU A 230 -5.43 -1.60 -1.48
N LEU A 231 -4.62 -0.67 -1.04
CA LEU A 231 -4.62 0.75 -1.43
C LEU A 231 -3.26 1.03 -2.09
N ILE A 232 -3.32 1.75 -3.19
CA ILE A 232 -2.15 2.27 -3.95
C ILE A 232 -2.48 3.73 -4.29
N ASP A 233 -1.72 4.69 -3.78
CA ASP A 233 -2.20 6.08 -3.94
C ASP A 233 -1.05 7.05 -3.74
N MET A 234 -1.04 8.05 -4.61
CA MET A 234 -0.20 9.26 -4.48
C MET A 234 -0.76 10.06 -3.31
N GLN A 235 0.15 10.74 -2.63
CA GLN A 235 -0.11 11.51 -1.40
C GLN A 235 0.80 12.73 -1.49
N LEU A 236 0.29 13.88 -1.05
CA LEU A 236 1.05 15.16 -1.04
C LEU A 236 0.81 15.90 0.28
N GLY A 237 1.89 16.17 1.02
CA GLY A 237 1.88 16.95 2.28
C GLY A 237 1.38 16.18 3.49
N GLY A 238 1.68 16.74 4.67
CA GLY A 238 1.32 16.22 6.00
C GLY A 238 2.46 16.47 6.96
N SER A 239 2.27 16.12 8.23
CA SER A 239 3.24 16.51 9.28
C SER A 239 4.49 15.67 9.07
N TRP A 240 4.34 14.42 8.61
CA TRP A 240 5.49 13.49 8.45
C TRP A 240 6.36 13.93 7.27
N VAL A 241 5.78 14.15 6.10
CA VAL A 241 6.60 14.35 4.87
C VAL A 241 7.12 15.79 4.80
N GLY A 242 6.39 16.75 5.40
CA GLY A 242 6.81 18.17 5.40
C GLY A 242 6.08 18.90 4.29
N THR A 243 6.55 20.09 3.94
CA THR A 243 5.78 20.99 3.04
C THR A 243 5.95 20.51 1.60
N VAL A 244 4.94 20.75 0.79
CA VAL A 244 5.01 20.53 -0.68
C VAL A 244 5.72 21.71 -1.36
N ASP A 245 6.60 21.42 -2.32
CA ASP A 245 7.15 22.41 -3.29
C ASP A 245 6.44 22.27 -4.62
N PRO A 246 5.51 23.19 -4.96
CA PRO A 246 4.66 23.03 -6.13
C PRO A 246 5.53 22.97 -7.38
N ALA A 247 6.76 23.51 -7.32
CA ALA A 247 7.72 23.48 -8.44
C ALA A 247 8.05 22.04 -8.84
N ASP A 248 7.85 21.07 -7.94
CA ASP A 248 8.15 19.63 -8.15
C ASP A 248 6.92 18.91 -8.70
N LEU A 249 5.83 19.64 -8.97
CA LEU A 249 4.59 19.06 -9.52
C LEU A 249 4.44 19.45 -11.00
N PRO A 250 3.69 18.65 -11.79
CA PRO A 250 3.04 17.44 -11.29
C PRO A 250 4.04 16.30 -11.05
N VAL A 251 3.62 15.30 -10.25
CA VAL A 251 4.46 14.12 -9.93
C VAL A 251 3.62 12.87 -10.16
N GLU A 252 4.28 11.80 -10.60
CA GLU A 252 3.61 10.50 -10.84
C GLU A 252 4.29 9.37 -10.06
N MET A 253 3.51 8.31 -9.84
CA MET A 253 4.02 6.96 -9.53
C MET A 253 3.45 6.09 -10.63
N GLU A 254 4.26 5.17 -11.12
CA GLU A 254 3.89 4.24 -12.23
C GLU A 254 3.83 2.84 -11.62
N VAL A 255 2.74 2.15 -11.90
CA VAL A 255 2.55 0.78 -11.39
C VAL A 255 2.44 -0.18 -12.56
N ASP A 256 3.42 -1.08 -12.63
CA ASP A 256 3.52 -2.16 -13.63
C ASP A 256 2.51 -3.25 -13.30
N TRP A 257 2.46 -3.73 -12.05
CA TRP A 257 1.54 -4.86 -11.68
C TRP A 257 1.38 -5.04 -10.18
N VAL A 258 0.35 -5.80 -9.83
CA VAL A 258 0.11 -6.34 -8.47
C VAL A 258 0.06 -7.84 -8.64
N ARG A 259 0.79 -8.57 -7.78
CA ARG A 259 0.71 -10.06 -7.78
C ARG A 259 0.43 -10.54 -6.37
N HIS A 260 -0.42 -11.55 -6.29
CA HIS A 260 -0.85 -12.19 -5.04
C HIS A 260 -0.50 -13.66 -5.17
N TYR A 261 0.33 -14.17 -4.27
CA TYR A 261 0.71 -15.60 -4.18
C TYR A 261 0.17 -16.20 -2.87
N GLN A 262 0.02 -17.52 -2.88
CA GLN A 262 -0.23 -18.33 -1.66
C GLN A 262 0.81 -19.45 -1.64
N TRP A 263 1.36 -19.74 -0.46
CA TRP A 263 2.24 -20.92 -0.25
C TRP A 263 1.36 -22.17 -0.17
N LYS A 264 1.39 -23.03 -1.19
CA LYS A 264 0.57 -24.29 -1.17
C LYS A 264 1.09 -25.25 -2.23
S SO4 B . -6.88 -15.06 -1.89
O1 SO4 B . -6.25 -14.02 -1.09
O2 SO4 B . -6.95 -14.65 -3.29
O3 SO4 B . -8.22 -15.26 -1.40
O4 SO4 B . -6.11 -16.27 -1.80
S SO4 C . -11.53 19.95 -4.13
O1 SO4 C . -11.06 18.82 -4.87
O2 SO4 C . -11.36 21.19 -4.90
O3 SO4 C . -12.92 19.75 -3.83
O4 SO4 C . -10.76 20.08 -2.90
#